data_5JWY
#
_entry.id   5JWY
#
_cell.length_a   39.533
_cell.length_b   73.593
_cell.length_c   132.095
_cell.angle_alpha   90.000
_cell.angle_beta   90.000
_cell.angle_gamma   90.000
#
_symmetry.space_group_name_H-M   'P 21 21 21'
#
loop_
_entity.id
_entity.type
_entity.pdbx_description
1 polymer 'Phosphatidylglycerophosphatase B'
2 non-polymer '(2R)-3-{[(S)-(2-aminoethoxy)(hydroxy)phosphoryl]oxy}-2-(tetradecanoyloxy)propyl tetradecanoate'
3 water water
#
_entity_poly.entity_id   1
_entity_poly.type   'polypeptide(L)'
_entity_poly.pdbx_seq_one_letter_code
;(MSE)RSIARRTAVGAALLLV(MSE)PVAVWISGWRWQPGEQSWLLKAAFWVTETVTQPWGVITHLILFGWFLWCLRFRI
KAAFVLFAILAAAILVGQGVKSWIKDKVQEPRPFVIWLEKTHHIPVDEFYTLKRAERGNLVKEQLAEEKNIPQYLRSHWQ
KETGFAFPSGHT(MSE)FAASWALLAVGLLWPRRRTLTIAILLVWATGV(MSE)GSRLLLG(MSE)HWPRDLVVATLISW
ALVAVATWLAQRICGPLTPPAEENREIAQREQESLEHHH
;
_entity_poly.pdbx_strand_id   A
#
loop_
_chem_comp.id
_chem_comp.type
_chem_comp.name
_chem_comp.formula
46E non-polymer '(2R)-3-{[(S)-(2-aminoethoxy)(hydroxy)phosphoryl]oxy}-2-(tetradecanoyloxy)propyl tetradecanoate' 'C33 H66 N O8 P'
#
# COMPACT_ATOMS: atom_id res chain seq x y z
N MSE A 1 -15.39 5.68 -20.32
CA MSE A 1 -14.02 6.23 -20.09
C MSE A 1 -12.98 5.33 -20.70
O MSE A 1 -13.32 4.26 -21.21
CB MSE A 1 -13.77 6.43 -18.59
CG MSE A 1 -14.08 5.17 -17.78
SE MSE A 1 -12.98 5.04 -16.15
CE MSE A 1 -12.07 6.79 -16.05
N ARG A 2 -11.71 5.74 -20.62
CA ARG A 2 -10.58 5.05 -21.29
C ARG A 2 -10.39 3.60 -20.85
N SER A 3 -9.78 2.79 -21.73
CA SER A 3 -9.62 1.34 -21.48
C SER A 3 -8.55 1.05 -20.44
N ILE A 4 -7.49 1.84 -20.45
CA ILE A 4 -6.43 1.71 -19.46
C ILE A 4 -6.95 1.96 -18.04
N ALA A 5 -7.85 2.93 -17.90
CA ALA A 5 -8.39 3.31 -16.60
C ALA A 5 -9.63 2.50 -16.18
N ARG A 6 -10.23 1.77 -17.13
CA ARG A 6 -11.25 0.76 -16.79
C ARG A 6 -10.60 -0.31 -15.90
N ARG A 7 -9.42 -0.77 -16.33
CA ARG A 7 -8.69 -1.82 -15.63
C ARG A 7 -8.20 -1.38 -14.24
N THR A 8 -7.67 -0.16 -14.13
CA THR A 8 -7.25 0.36 -12.82
C THR A 8 -8.47 0.42 -11.88
N ALA A 9 -9.64 0.76 -12.43
CA ALA A 9 -10.88 0.80 -11.65
C ALA A 9 -11.25 -0.58 -11.11
N VAL A 10 -11.22 -1.59 -11.99
CA VAL A 10 -11.39 -2.99 -11.57
C VAL A 10 -10.40 -3.38 -10.44
N GLY A 11 -9.13 -3.00 -10.60
CA GLY A 11 -8.14 -3.19 -9.53
C GLY A 11 -8.57 -2.53 -8.23
N ALA A 12 -8.99 -1.26 -8.35
CA ALA A 12 -9.40 -0.44 -7.21
C ALA A 12 -10.55 -1.12 -6.49
N ALA A 13 -11.46 -1.67 -7.29
CA ALA A 13 -12.56 -2.46 -6.77
C ALA A 13 -12.00 -3.67 -6.03
N LEU A 14 -11.26 -4.52 -6.74
CA LEU A 14 -10.71 -5.75 -6.16
C LEU A 14 -10.01 -5.50 -4.82
N LEU A 15 -9.20 -4.45 -4.75
CA LEU A 15 -8.48 -4.17 -3.52
C LEU A 15 -9.38 -3.64 -2.41
N LEU A 16 -10.46 -2.97 -2.80
CA LEU A 16 -11.48 -2.53 -1.84
C LEU A 16 -12.25 -3.67 -1.17
N VAL A 17 -12.36 -4.81 -1.85
CA VAL A 17 -13.15 -5.94 -1.36
C VAL A 17 -12.71 -6.37 0.03
N MSE A 18 -11.49 -6.88 0.16
CA MSE A 18 -10.99 -7.33 1.46
C MSE A 18 -11.29 -6.34 2.57
O MSE A 18 -11.93 -6.72 3.56
CB MSE A 18 -9.49 -7.65 1.43
CG MSE A 18 -9.02 -8.31 2.72
SE MSE A 18 -8.35 -7.05 4.10
CE MSE A 18 -7.42 -8.44 5.18
N PRO A 19 -10.84 -5.08 2.45
CA PRO A 19 -10.99 -4.11 3.55
C PRO A 19 -12.44 -3.65 3.79
N VAL A 20 -13.21 -3.47 2.70
CA VAL A 20 -14.64 -3.18 2.80
C VAL A 20 -15.35 -4.30 3.55
N ALA A 21 -15.19 -5.54 3.09
CA ALA A 21 -15.62 -6.72 3.84
C ALA A 21 -15.32 -6.60 5.34
N VAL A 22 -14.04 -6.58 5.69
CA VAL A 22 -13.65 -6.58 7.11
C VAL A 22 -14.29 -5.38 7.85
N TRP A 23 -14.36 -4.23 7.16
CA TRP A 23 -15.06 -3.08 7.70
C TRP A 23 -16.51 -3.46 8.06
N ILE A 24 -17.24 -3.98 7.07
CA ILE A 24 -18.64 -4.41 7.22
C ILE A 24 -18.82 -5.43 8.33
N SER A 25 -17.96 -6.44 8.36
CA SER A 25 -18.01 -7.49 9.37
C SER A 25 -17.81 -6.94 10.77
N GLY A 26 -17.30 -5.71 10.86
CA GLY A 26 -17.15 -5.01 12.13
C GLY A 26 -16.13 -5.68 13.02
N TRP A 27 -15.10 -6.26 12.41
CA TRP A 27 -14.02 -6.88 13.17
C TRP A 27 -13.09 -5.77 13.72
N ARG A 28 -12.71 -5.92 14.99
CA ARG A 28 -11.78 -5.01 15.63
C ARG A 28 -10.58 -5.79 16.14
N TRP A 29 -9.42 -5.13 16.22
CA TRP A 29 -8.18 -5.79 16.60
C TRP A 29 -8.10 -6.01 18.13
N GLN A 30 -7.78 -7.24 18.51
CA GLN A 30 -7.50 -7.61 19.89
C GLN A 30 -6.09 -8.15 19.92
N PRO A 31 -5.45 -8.17 21.10
CA PRO A 31 -4.07 -8.65 21.20
C PRO A 31 -3.97 -10.18 21.18
N GLY A 32 -2.78 -10.71 21.47
CA GLY A 32 -2.59 -12.13 21.71
C GLY A 32 -2.72 -13.07 20.52
N GLU A 33 -2.54 -12.54 19.30
CA GLU A 33 -2.56 -13.39 18.09
C GLU A 33 -1.45 -14.43 18.14
N GLN A 34 -1.52 -15.41 17.25
CA GLN A 34 -0.48 -16.43 17.14
C GLN A 34 0.77 -15.73 16.59
N SER A 35 1.84 -15.70 17.38
CA SER A 35 2.98 -14.83 17.08
C SER A 35 3.79 -15.17 15.81
N TRP A 36 3.49 -16.28 15.12
CA TRP A 36 4.03 -16.52 13.77
C TRP A 36 3.37 -15.57 12.75
N LEU A 37 2.10 -15.28 13.01
CA LEU A 37 1.26 -14.46 12.14
C LEU A 37 1.61 -12.98 12.31
N LEU A 38 1.86 -12.57 13.55
CA LEU A 38 2.38 -11.24 13.84
C LEU A 38 3.70 -10.99 13.09
N LYS A 39 4.60 -11.99 13.11
CA LYS A 39 5.94 -11.90 12.51
C LYS A 39 5.87 -11.96 10.98
N ALA A 40 5.06 -12.90 10.47
CA ALA A 40 4.83 -13.01 9.03
C ALA A 40 4.17 -11.75 8.48
N ALA A 41 3.24 -11.18 9.26
CA ALA A 41 2.63 -9.90 8.92
C ALA A 41 3.69 -8.83 8.96
N PHE A 42 4.52 -8.85 10.00
CA PHE A 42 5.60 -7.89 10.12
C PHE A 42 6.51 -7.92 8.89
N TRP A 43 6.86 -9.11 8.40
CA TRP A 43 7.74 -9.16 7.23
C TRP A 43 7.03 -8.57 6.02
N VAL A 44 5.79 -8.99 5.81
CA VAL A 44 5.02 -8.45 4.69
C VAL A 44 5.03 -6.92 4.78
N THR A 45 4.71 -6.41 5.95
CA THR A 45 4.79 -4.99 6.22
C THR A 45 6.18 -4.49 5.88
N GLU A 46 7.20 -5.19 6.36
CA GLU A 46 8.61 -4.82 6.14
C GLU A 46 9.00 -4.74 4.67
N THR A 47 8.35 -5.51 3.79
CA THR A 47 8.62 -5.42 2.35
C THR A 47 8.34 -4.03 1.77
N VAL A 48 7.67 -3.18 2.57
CA VAL A 48 7.36 -1.79 2.20
C VAL A 48 8.03 -0.75 3.14
N THR A 49 8.21 -1.10 4.41
CA THR A 49 8.92 -0.25 5.38
C THR A 49 10.30 0.12 4.83
N GLN A 50 10.72 1.36 5.09
CA GLN A 50 11.80 2.02 4.33
C GLN A 50 13.21 1.41 4.42
N PRO A 51 13.51 0.61 5.45
CA PRO A 51 14.84 -0.03 5.35
C PRO A 51 14.94 -0.97 4.15
N TRP A 52 14.10 -2.00 4.10
CA TRP A 52 14.16 -3.02 3.06
C TRP A 52 13.31 -2.68 1.86
N GLY A 53 12.42 -1.71 2.04
CA GLY A 53 11.40 -1.41 1.04
C GLY A 53 11.94 -0.82 -0.25
N VAL A 54 13.18 -0.34 -0.22
CA VAL A 54 13.80 0.31 -1.38
C VAL A 54 14.13 -0.75 -2.44
N ILE A 55 14.49 -1.93 -1.96
CA ILE A 55 14.76 -3.06 -2.85
C ILE A 55 13.53 -3.31 -3.73
N THR A 56 12.41 -3.63 -3.06
CA THR A 56 11.12 -3.94 -3.70
C THR A 56 10.79 -2.93 -4.81
N HIS A 57 10.85 -1.65 -4.45
CA HIS A 57 10.50 -0.58 -5.37
C HIS A 57 11.48 -0.52 -6.55
N LEU A 58 12.78 -0.70 -6.28
CA LEU A 58 13.78 -0.69 -7.37
C LEU A 58 13.57 -1.86 -8.33
N ILE A 59 13.40 -3.05 -7.76
CA ILE A 59 13.17 -4.23 -8.57
C ILE A 59 11.90 -4.09 -9.39
N LEU A 60 10.84 -3.57 -8.77
CA LEU A 60 9.58 -3.40 -9.48
C LEU A 60 9.73 -2.37 -10.60
N PHE A 61 10.26 -1.20 -10.23
CA PHE A 61 10.60 -0.13 -11.17
C PHE A 61 11.35 -0.67 -12.39
N GLY A 62 12.43 -1.41 -12.09
CA GLY A 62 13.23 -2.04 -13.11
C GLY A 62 12.37 -2.95 -13.95
N TRP A 63 11.71 -3.90 -13.30
CA TRP A 63 10.86 -4.87 -13.97
C TRP A 63 9.81 -4.16 -14.81
N PHE A 64 9.22 -3.12 -14.23
CA PHE A 64 8.20 -2.35 -14.94
C PHE A 64 8.77 -1.71 -16.18
N LEU A 65 9.97 -1.11 -16.06
CA LEU A 65 10.68 -0.57 -17.23
C LEU A 65 10.94 -1.66 -18.25
N TRP A 66 11.26 -2.86 -17.77
CA TRP A 66 11.50 -3.96 -18.66
C TRP A 66 10.24 -4.29 -19.43
N CYS A 67 9.12 -4.43 -18.72
CA CYS A 67 7.82 -4.76 -19.36
C CYS A 67 7.31 -3.66 -20.29
N LEU A 68 7.49 -2.41 -19.88
CA LEU A 68 7.00 -1.23 -20.63
C LEU A 68 7.98 -0.72 -21.69
N ARG A 69 8.96 -1.54 -22.06
CA ARG A 69 10.09 -1.06 -22.87
C ARG A 69 9.72 -0.46 -24.24
N PHE A 70 8.62 -0.91 -24.84
CA PHE A 70 8.18 -0.33 -26.12
C PHE A 70 7.69 1.12 -25.97
N ARG A 71 7.41 1.50 -24.72
CA ARG A 71 7.04 2.86 -24.37
C ARG A 71 7.98 3.31 -23.25
N ILE A 72 9.27 3.05 -23.42
CA ILE A 72 10.22 3.29 -22.34
C ILE A 72 10.32 4.79 -21.98
N LYS A 73 10.10 5.67 -22.96
CA LYS A 73 10.10 7.10 -22.69
C LYS A 73 8.93 7.44 -21.80
N ALA A 74 7.74 7.06 -22.27
CA ALA A 74 6.50 7.18 -21.50
C ALA A 74 6.59 6.67 -20.05
N ALA A 75 7.35 5.59 -19.85
CA ALA A 75 7.51 5.01 -18.52
C ALA A 75 8.35 5.87 -17.59
N PHE A 76 9.47 6.38 -18.10
CA PHE A 76 10.37 7.22 -17.31
C PHE A 76 9.65 8.46 -16.81
N VAL A 77 8.91 9.09 -17.72
CA VAL A 77 8.01 10.18 -17.39
C VAL A 77 7.10 9.78 -16.24
N LEU A 78 6.34 8.71 -16.46
CA LEU A 78 5.39 8.19 -15.49
C LEU A 78 6.03 7.98 -14.12
N PHE A 79 7.22 7.39 -14.09
CA PHE A 79 7.88 7.12 -12.81
C PHE A 79 8.46 8.39 -12.17
N ALA A 80 8.86 9.32 -13.03
CA ALA A 80 9.25 10.64 -12.56
C ALA A 80 8.06 11.29 -11.88
N ILE A 81 6.89 11.30 -12.53
CA ILE A 81 5.64 11.89 -11.98
C ILE A 81 5.25 11.29 -10.61
N LEU A 82 5.54 10.01 -10.42
CA LEU A 82 5.27 9.33 -9.15
C LEU A 82 6.35 9.63 -8.12
N ALA A 83 7.60 9.76 -8.59
CA ALA A 83 8.71 10.21 -7.73
C ALA A 83 8.48 11.65 -7.23
N ALA A 84 7.83 12.45 -8.07
CA ALA A 84 7.37 13.79 -7.71
C ALA A 84 6.30 13.69 -6.62
N ALA A 85 5.21 13.01 -6.94
CA ALA A 85 4.13 12.78 -5.99
C ALA A 85 4.63 12.25 -4.64
N ILE A 86 5.59 11.34 -4.65
CA ILE A 86 6.18 10.88 -3.40
C ILE A 86 6.70 12.06 -2.58
N LEU A 87 7.45 12.95 -3.22
CA LEU A 87 8.05 14.13 -2.57
C LEU A 87 7.04 15.22 -2.21
N VAL A 88 5.98 15.35 -3.02
CA VAL A 88 4.83 16.16 -2.66
C VAL A 88 4.25 15.52 -1.42
N GLY A 89 4.00 14.21 -1.50
CA GLY A 89 3.47 13.43 -0.39
C GLY A 89 4.28 13.53 0.89
N GLN A 90 5.59 13.74 0.76
CA GLN A 90 6.46 13.96 1.91
C GLN A 90 6.37 15.40 2.42
N GLY A 91 6.08 16.34 1.52
CA GLY A 91 5.67 17.69 1.91
C GLY A 91 4.34 17.67 2.64
N VAL A 92 3.35 17.02 2.03
CA VAL A 92 2.04 16.82 2.65
C VAL A 92 2.17 16.14 4.01
N LYS A 93 3.00 15.10 4.09
CA LYS A 93 3.15 14.33 5.32
C LYS A 93 3.45 15.24 6.49
N SER A 94 4.53 16.01 6.38
CA SER A 94 5.01 16.85 7.48
C SER A 94 3.91 17.72 8.07
N TRP A 95 3.04 18.25 7.22
CA TRP A 95 1.94 19.10 7.67
C TRP A 95 0.94 18.37 8.58
N ILE A 96 0.80 17.05 8.41
CA ILE A 96 -0.16 16.24 9.16
C ILE A 96 0.33 15.83 10.57
N LYS A 97 1.64 15.85 10.79
CA LYS A 97 2.27 15.33 12.03
C LYS A 97 1.63 15.80 13.34
N ASP A 98 1.00 16.97 13.33
CA ASP A 98 0.33 17.52 14.52
C ASP A 98 -1.19 17.59 14.39
N LYS A 99 -1.73 17.32 13.20
CA LYS A 99 -3.17 17.45 12.97
C LYS A 99 -3.95 16.21 13.43
N VAL A 100 -3.40 15.03 13.15
CA VAL A 100 -4.09 13.77 13.42
C VAL A 100 -4.24 13.52 14.91
N GLN A 101 -5.38 12.95 15.30
CA GLN A 101 -5.64 12.56 16.69
C GLN A 101 -6.24 11.15 16.82
N GLU A 102 -7.05 10.76 15.84
CA GLU A 102 -7.55 9.39 15.72
C GLU A 102 -6.45 8.40 16.10
N PRO A 103 -6.76 7.46 17.01
CA PRO A 103 -5.76 6.49 17.47
C PRO A 103 -5.68 5.23 16.60
N ARG A 104 -4.54 4.56 16.64
CA ARG A 104 -4.44 3.25 16.03
C ARG A 104 -5.10 2.25 16.98
N PRO A 105 -5.67 1.15 16.44
CA PRO A 105 -6.33 0.09 17.18
C PRO A 105 -5.62 -0.36 18.44
N PHE A 106 -4.29 -0.53 18.38
CA PHE A 106 -3.55 -0.98 19.55
C PHE A 106 -3.59 0.01 20.71
N VAL A 107 -3.89 1.28 20.43
CA VAL A 107 -3.96 2.33 21.44
C VAL A 107 -5.15 2.10 22.34
N ILE A 108 -6.27 1.66 21.77
CA ILE A 108 -7.50 1.42 22.53
C ILE A 108 -7.31 0.34 23.60
N TRP A 109 -6.82 -0.82 23.16
CA TRP A 109 -6.46 -1.91 24.08
C TRP A 109 -5.51 -1.39 25.15
N LEU A 110 -4.53 -0.58 24.73
CA LEU A 110 -3.47 -0.06 25.61
C LEU A 110 -3.99 0.85 26.74
N GLU A 111 -5.01 1.66 26.46
CA GLU A 111 -5.59 2.51 27.49
C GLU A 111 -6.59 1.76 28.38
N LYS A 112 -7.24 0.74 27.84
CA LYS A 112 -8.01 -0.17 28.68
C LYS A 112 -7.08 -0.76 29.74
N THR A 113 -6.04 -1.45 29.28
CA THR A 113 -5.11 -2.19 30.16
C THR A 113 -4.40 -1.32 31.22
N HIS A 114 -4.23 -0.04 30.93
CA HIS A 114 -3.64 0.91 31.89
C HIS A 114 -4.70 1.70 32.68
N HIS A 115 -5.96 1.29 32.54
CA HIS A 115 -7.07 1.83 33.32
C HIS A 115 -7.16 3.35 33.24
N ILE A 116 -6.85 3.89 32.07
CA ILE A 116 -7.02 5.30 31.82
C ILE A 116 -8.34 5.47 31.08
N PRO A 117 -9.24 6.29 31.64
CA PRO A 117 -10.55 6.38 31.02
C PRO A 117 -10.47 7.09 29.68
N VAL A 118 -11.40 6.76 28.80
CA VAL A 118 -11.49 7.40 27.49
C VAL A 118 -11.62 8.92 27.64
N ASP A 119 -12.31 9.32 28.72
CA ASP A 119 -12.64 10.72 29.04
C ASP A 119 -11.38 11.56 29.27
N GLU A 120 -10.56 11.14 30.22
CA GLU A 120 -9.30 11.83 30.55
C GLU A 120 -8.34 11.82 29.36
N PHE A 121 -8.11 10.63 28.81
CA PHE A 121 -7.13 10.44 27.74
C PHE A 121 -7.22 11.52 26.67
N TYR A 122 -8.43 11.77 26.15
CA TYR A 122 -8.62 12.75 25.06
C TYR A 122 -8.72 14.19 25.50
N THR A 123 -8.84 14.41 26.81
CA THR A 123 -8.70 15.75 27.36
C THR A 123 -7.23 15.99 27.75
N LEU A 124 -6.32 15.69 26.83
CA LEU A 124 -4.88 15.98 27.00
C LEU A 124 -4.33 16.69 25.79
N LYS A 125 -3.27 17.46 26.00
CA LYS A 125 -2.50 18.04 24.90
C LYS A 125 -2.19 16.91 23.93
N ARG A 126 -2.36 17.16 22.65
CA ARG A 126 -2.07 16.14 21.62
C ARG A 126 -0.67 15.55 21.80
N ALA A 127 0.31 16.43 22.03
CA ALA A 127 1.69 16.01 22.27
C ALA A 127 1.79 15.19 23.55
N GLU A 128 1.43 15.76 24.70
CA GLU A 128 1.46 15.01 25.97
C GLU A 128 0.79 13.65 25.83
N ARG A 129 -0.24 13.59 24.99
CA ARG A 129 -1.03 12.37 24.79
C ARG A 129 -0.24 11.31 24.07
N GLY A 130 0.24 11.64 22.87
CA GLY A 130 1.03 10.73 22.03
C GLY A 130 2.36 10.30 22.63
N ASN A 131 2.90 11.11 23.55
CA ASN A 131 4.08 10.72 24.31
C ASN A 131 3.74 9.66 25.32
N LEU A 132 2.64 9.85 26.04
CA LEU A 132 2.22 8.88 27.04
C LEU A 132 2.01 7.50 26.43
N VAL A 133 1.56 7.45 25.18
CA VAL A 133 1.48 6.18 24.47
C VAL A 133 2.90 5.64 24.26
N LYS A 134 3.80 6.51 23.82
CA LYS A 134 5.20 6.15 23.56
C LYS A 134 5.87 5.67 24.86
N GLU A 135 5.68 6.40 25.96
CA GLU A 135 6.21 5.99 27.27
C GLU A 135 5.54 4.73 27.83
N GLN A 136 4.23 4.59 27.63
CA GLN A 136 3.51 3.40 28.11
C GLN A 136 4.01 2.12 27.45
N LEU A 137 4.43 2.24 26.19
CA LEU A 137 4.92 1.08 25.43
C LEU A 137 6.18 0.48 26.05
N ALA A 138 7.22 1.31 26.22
CA ALA A 138 8.51 0.87 26.79
C ALA A 138 8.43 0.32 28.23
N GLU A 139 7.28 0.48 28.90
CA GLU A 139 7.02 -0.17 30.20
C GLU A 139 6.22 -1.47 30.08
N GLU A 140 5.53 -1.65 28.95
CA GLU A 140 4.82 -2.91 28.66
C GLU A 140 5.83 -3.99 28.30
N LYS A 141 5.79 -5.11 29.00
CA LYS A 141 6.64 -6.24 28.67
C LYS A 141 5.88 -7.29 27.86
N ASN A 142 4.59 -7.02 27.64
CA ASN A 142 3.71 -7.99 27.01
C ASN A 142 4.10 -8.34 25.58
N ILE A 143 4.52 -7.33 24.82
CA ILE A 143 4.72 -7.50 23.38
C ILE A 143 6.19 -7.52 23.04
N PRO A 144 6.55 -8.29 22.02
CA PRO A 144 7.96 -8.48 21.72
C PRO A 144 8.63 -7.25 21.11
N GLN A 145 9.92 -7.08 21.40
CA GLN A 145 10.65 -5.85 21.06
C GLN A 145 10.46 -5.36 19.62
N TYR A 146 10.31 -6.27 18.67
CA TYR A 146 10.18 -5.89 17.26
C TYR A 146 8.87 -5.16 16.95
N LEU A 147 7.83 -5.47 17.71
CA LEU A 147 6.50 -4.88 17.50
C LEU A 147 6.36 -3.58 18.28
N ARG A 148 6.79 -3.61 19.54
CA ARG A 148 6.87 -2.43 20.38
C ARG A 148 7.55 -1.28 19.65
N SER A 149 8.69 -1.55 19.01
CA SER A 149 9.42 -0.52 18.26
C SER A 149 8.61 0.03 17.09
N HIS A 150 7.99 -0.87 16.34
CA HIS A 150 7.16 -0.51 15.21
C HIS A 150 6.00 0.38 15.67
N TRP A 151 5.41 0.01 16.79
CA TRP A 151 4.34 0.77 17.39
C TRP A 151 4.81 2.13 17.83
N GLN A 152 6.01 2.15 18.42
CA GLN A 152 6.69 3.41 18.74
C GLN A 152 7.02 4.22 17.50
N LYS A 153 7.56 3.56 16.47
CA LYS A 153 7.94 4.24 15.24
C LYS A 153 6.71 4.84 14.53
N GLU A 154 5.66 4.06 14.45
CA GLU A 154 4.36 4.44 13.92
C GLU A 154 3.61 5.48 14.77
N THR A 155 3.76 5.36 16.09
CA THR A 155 3.16 6.25 17.08
C THR A 155 1.68 6.11 17.35
N GLY A 156 0.98 5.10 16.91
CA GLY A 156 -0.38 5.05 17.42
C GLY A 156 -1.11 6.39 17.25
N PHE A 157 -0.82 7.10 16.16
CA PHE A 157 -1.68 8.10 15.55
C PHE A 157 -1.97 7.50 14.21
N ALA A 158 -3.22 7.51 13.78
CA ALA A 158 -3.57 6.81 12.57
C ALA A 158 -3.29 7.63 11.34
N PHE A 159 -2.00 7.84 11.06
CA PHE A 159 -1.61 8.59 9.88
C PHE A 159 -1.99 7.75 8.66
N PRO A 160 -2.27 8.40 7.55
CA PRO A 160 -2.70 7.61 6.38
C PRO A 160 -1.69 6.53 6.02
N SER A 161 -2.18 5.40 5.53
CA SER A 161 -1.32 4.26 5.26
C SER A 161 -0.36 4.55 4.11
N GLY A 162 0.91 4.78 4.44
CA GLY A 162 1.95 4.90 3.43
C GLY A 162 2.16 3.54 2.80
N HIS A 163 2.30 2.54 3.68
CA HIS A 163 2.36 1.13 3.30
C HIS A 163 1.32 0.68 2.26
N THR A 164 0.07 1.10 2.43
CA THR A 164 -1.00 0.73 1.49
C THR A 164 -0.97 1.53 0.17
N MSE A 165 -0.63 2.81 0.26
CA MSE A 165 -0.62 3.66 -0.93
C MSE A 165 0.41 3.16 -1.90
O MSE A 165 0.15 3.10 -3.10
CB MSE A 165 -0.35 5.12 -0.55
CG MSE A 165 -1.63 5.73 -0.02
SE MSE A 165 -1.34 7.60 0.52
CE MSE A 165 -2.12 7.55 2.34
N PHE A 166 1.57 2.80 -1.36
CA PHE A 166 2.69 2.29 -2.16
C PHE A 166 2.36 0.93 -2.77
N ALA A 167 2.01 -0.03 -1.90
CA ALA A 167 1.69 -1.42 -2.30
C ALA A 167 0.51 -1.50 -3.26
N ALA A 168 -0.58 -0.82 -2.91
CA ALA A 168 -1.75 -0.70 -3.78
C ALA A 168 -1.41 -0.08 -5.15
N SER A 169 -0.61 0.99 -5.16
CA SER A 169 -0.26 1.66 -6.42
C SER A 169 0.49 0.74 -7.35
N TRP A 170 1.42 -0.01 -6.80
CA TRP A 170 2.15 -0.96 -7.59
C TRP A 170 1.20 -1.90 -8.26
N ALA A 171 0.27 -2.45 -7.48
CA ALA A 171 -0.71 -3.41 -8.00
C ALA A 171 -1.71 -2.79 -8.96
N LEU A 172 -1.99 -1.48 -8.82
CA LEU A 172 -2.87 -0.80 -9.76
C LEU A 172 -2.14 -0.51 -11.07
N LEU A 173 -0.85 -0.18 -10.98
CA LEU A 173 -0.01 0.02 -12.18
C LEU A 173 0.12 -1.24 -13.03
N ALA A 174 0.13 -2.38 -12.33
CA ALA A 174 0.17 -3.71 -12.94
C ALA A 174 -1.05 -4.00 -13.79
N VAL A 175 -2.23 -4.03 -13.16
CA VAL A 175 -3.48 -4.25 -13.90
C VAL A 175 -3.69 -3.14 -14.94
N GLY A 176 -3.36 -1.91 -14.54
CA GLY A 176 -3.44 -0.75 -15.42
C GLY A 176 -2.67 -0.95 -16.71
N LEU A 177 -1.34 -1.07 -16.58
CA LEU A 177 -0.44 -1.04 -17.75
C LEU A 177 -0.08 -2.39 -18.35
N LEU A 178 -0.02 -3.43 -17.53
CA LEU A 178 0.49 -4.73 -17.98
C LEU A 178 -0.55 -5.76 -18.38
N TRP A 179 -1.82 -5.56 -18.06
CA TRP A 179 -2.84 -6.57 -18.37
C TRP A 179 -2.84 -6.97 -19.87
N PRO A 180 -2.80 -5.99 -20.79
CA PRO A 180 -2.71 -6.34 -22.24
C PRO A 180 -1.40 -7.03 -22.67
N ARG A 181 -0.40 -6.99 -21.78
CA ARG A 181 0.92 -7.53 -22.03
C ARG A 181 1.05 -8.94 -21.45
N ARG A 182 -0.10 -9.56 -21.14
CA ARG A 182 -0.17 -10.92 -20.63
C ARG A 182 0.69 -11.16 -19.38
N ARG A 183 0.90 -10.14 -18.56
CA ARG A 183 1.78 -10.26 -17.40
C ARG A 183 1.01 -10.80 -16.21
N THR A 184 0.41 -11.95 -16.46
CA THR A 184 -0.55 -12.55 -15.56
C THR A 184 0.10 -12.96 -14.21
N LEU A 185 1.32 -13.51 -14.29
CA LEU A 185 2.07 -13.90 -13.09
C LEU A 185 2.42 -12.68 -12.22
N THR A 186 2.85 -11.61 -12.89
CA THR A 186 3.16 -10.33 -12.25
C THR A 186 1.92 -9.80 -11.54
N ILE A 187 0.90 -9.47 -12.31
CA ILE A 187 -0.29 -8.82 -11.82
C ILE A 187 -0.80 -9.53 -10.58
N ALA A 188 -1.08 -10.81 -10.73
CA ALA A 188 -1.53 -11.65 -9.64
C ALA A 188 -0.71 -11.41 -8.36
N ILE A 189 0.62 -11.45 -8.48
CA ILE A 189 1.47 -11.43 -7.29
C ILE A 189 1.31 -10.13 -6.55
N LEU A 190 1.16 -9.07 -7.31
CA LEU A 190 1.10 -7.73 -6.76
C LEU A 190 -0.23 -7.47 -6.06
N LEU A 191 -1.29 -8.02 -6.63
CA LEU A 191 -2.59 -8.00 -5.99
C LEU A 191 -2.55 -8.78 -4.65
N VAL A 192 -2.08 -10.01 -4.70
CA VAL A 192 -1.95 -10.77 -3.46
C VAL A 192 -1.11 -9.98 -2.45
N TRP A 193 0.02 -9.45 -2.92
CA TRP A 193 0.98 -8.75 -2.06
C TRP A 193 0.36 -7.51 -1.40
N ALA A 194 -0.18 -6.63 -2.24
CA ALA A 194 -0.86 -5.43 -1.80
C ALA A 194 -1.86 -5.71 -0.68
N THR A 195 -2.72 -6.71 -0.91
CA THR A 195 -3.72 -7.11 0.08
C THR A 195 -3.08 -7.71 1.32
N GLY A 196 -2.04 -8.52 1.13
CA GLY A 196 -1.28 -9.05 2.26
C GLY A 196 -0.77 -7.93 3.14
N VAL A 197 -0.34 -6.85 2.48
CA VAL A 197 0.13 -5.62 3.14
C VAL A 197 -1.03 -4.95 3.86
N MSE A 198 -2.14 -4.76 3.15
CA MSE A 198 -3.31 -4.19 3.80
C MSE A 198 -3.70 -4.99 5.01
O MSE A 198 -3.86 -4.44 6.09
CB MSE A 198 -4.44 -4.13 2.82
CG MSE A 198 -4.17 -2.90 2.01
SE MSE A 198 -5.17 -2.95 0.33
CE MSE A 198 -6.71 -2.01 1.12
N GLY A 199 -3.84 -6.29 4.82
CA GLY A 199 -4.16 -7.19 5.91
C GLY A 199 -3.18 -7.14 7.06
N SER A 200 -1.88 -6.97 6.73
CA SER A 200 -0.82 -6.94 7.75
C SER A 200 -0.88 -5.68 8.59
N ARG A 201 -1.39 -4.60 8.00
CA ARG A 201 -1.66 -3.36 8.74
C ARG A 201 -2.70 -3.62 9.83
N LEU A 202 -3.73 -4.38 9.47
CA LEU A 202 -4.85 -4.70 10.38
C LEU A 202 -4.39 -5.61 11.50
N LEU A 203 -3.52 -6.56 11.17
CA LEU A 203 -3.06 -7.59 12.12
C LEU A 203 -2.14 -7.04 13.20
N LEU A 204 -1.43 -5.97 12.86
CA LEU A 204 -0.52 -5.32 13.79
C LEU A 204 -1.26 -4.31 14.65
N GLY A 205 -2.47 -3.94 14.21
CA GLY A 205 -3.27 -2.95 14.92
C GLY A 205 -2.74 -1.58 14.58
N MSE A 206 -2.35 -1.40 13.33
CA MSE A 206 -1.79 -0.11 12.92
C MSE A 206 -2.90 0.77 12.39
O MSE A 206 -2.92 1.96 12.64
CB MSE A 206 -0.70 -0.24 11.84
CG MSE A 206 0.67 -0.79 12.25
SE MSE A 206 0.92 -0.88 14.20
CE MSE A 206 1.69 0.93 14.30
N HIS A 207 -3.83 0.16 11.63
CA HIS A 207 -4.93 0.90 11.01
C HIS A 207 -6.34 0.30 11.23
N TRP A 208 -7.34 1.07 10.80
CA TRP A 208 -8.75 0.66 10.70
C TRP A 208 -9.10 0.50 9.20
N PRO A 209 -10.02 -0.42 8.85
CA PRO A 209 -10.31 -0.63 7.43
C PRO A 209 -10.77 0.59 6.63
N ARG A 210 -11.31 1.60 7.30
CA ARG A 210 -11.57 2.88 6.63
C ARG A 210 -10.26 3.38 5.98
N ASP A 211 -9.19 3.42 6.79
CA ASP A 211 -7.86 3.87 6.38
C ASP A 211 -7.33 3.19 5.12
N LEU A 212 -7.52 1.87 5.06
CA LEU A 212 -7.09 1.10 3.92
C LEU A 212 -7.95 1.41 2.69
N VAL A 213 -9.21 1.76 2.91
CA VAL A 213 -10.12 2.07 1.81
C VAL A 213 -9.80 3.45 1.26
N VAL A 214 -9.55 4.38 2.17
CA VAL A 214 -9.06 5.71 1.79
C VAL A 214 -7.73 5.60 1.05
N ALA A 215 -6.75 4.94 1.67
CA ALA A 215 -5.43 4.66 1.07
C ALA A 215 -5.51 4.00 -0.28
N THR A 216 -6.34 2.98 -0.41
CA THR A 216 -6.57 2.34 -1.70
C THR A 216 -7.09 3.37 -2.69
N LEU A 217 -8.04 4.19 -2.26
CA LEU A 217 -8.70 5.16 -3.15
C LEU A 217 -7.78 6.27 -3.59
N ILE A 218 -6.88 6.69 -2.70
CA ILE A 218 -5.89 7.72 -3.03
C ILE A 218 -5.02 7.21 -4.16
N SER A 219 -4.61 5.95 -4.05
CA SER A 219 -3.82 5.27 -5.09
C SER A 219 -4.52 5.26 -6.44
N TRP A 220 -5.81 4.88 -6.44
CA TRP A 220 -6.62 4.86 -7.66
C TRP A 220 -6.61 6.25 -8.32
N ALA A 221 -6.76 7.27 -7.48
CA ALA A 221 -6.76 8.66 -7.91
C ALA A 221 -5.42 8.96 -8.55
N LEU A 222 -4.38 8.85 -7.72
CA LEU A 222 -3.00 9.15 -8.09
C LEU A 222 -2.52 8.46 -9.37
N VAL A 223 -2.69 7.14 -9.43
CA VAL A 223 -2.27 6.34 -10.58
C VAL A 223 -2.94 6.81 -11.88
N ALA A 224 -4.26 7.01 -11.79
CA ALA A 224 -5.07 7.41 -12.95
C ALA A 224 -4.66 8.78 -13.48
N VAL A 225 -4.34 9.69 -12.56
CA VAL A 225 -3.82 11.01 -12.90
C VAL A 225 -2.41 10.91 -13.50
N ALA A 226 -1.50 10.20 -12.80
CA ALA A 226 -0.12 10.04 -13.27
C ALA A 226 -0.07 9.41 -14.67
N THR A 227 -0.84 8.35 -14.90
CA THR A 227 -0.90 7.73 -16.22
C THR A 227 -1.36 8.71 -17.30
N TRP A 228 -2.40 9.49 -17.00
CA TRP A 228 -2.92 10.49 -17.93
C TRP A 228 -1.86 11.52 -18.33
N LEU A 229 -1.09 12.04 -17.39
CA LEU A 229 -0.05 13.00 -17.73
C LEU A 229 0.92 12.39 -18.71
N ALA A 230 1.51 11.26 -18.30
CA ALA A 230 2.41 10.48 -19.13
C ALA A 230 1.81 10.19 -20.51
N GLN A 231 0.51 9.95 -20.58
CA GLN A 231 -0.17 9.77 -21.89
C GLN A 231 -0.17 11.09 -22.68
N ARG A 232 -0.64 12.17 -22.07
CA ARG A 232 -0.75 13.45 -22.77
C ARG A 232 0.63 13.99 -23.11
N ILE A 233 1.58 13.85 -22.17
CA ILE A 233 2.97 14.25 -22.43
C ILE A 233 3.62 13.35 -23.47
N CYS A 234 3.80 12.08 -23.13
CA CYS A 234 4.68 11.18 -23.91
C CYS A 234 3.96 10.19 -24.85
N GLY A 235 2.66 10.36 -25.05
CA GLY A 235 1.92 9.46 -25.93
C GLY A 235 1.65 8.13 -25.26
N PRO A 236 0.73 7.32 -25.86
CA PRO A 236 0.19 6.09 -25.28
C PRO A 236 1.18 5.17 -24.57
N LEU A 237 0.69 4.53 -23.50
CA LEU A 237 1.40 3.47 -22.80
C LEU A 237 0.85 2.10 -23.21
N THR A 238 -0.22 2.10 -24.00
CA THR A 238 -0.80 0.85 -24.48
C THR A 238 0.16 0.28 -25.51
N PRO A 239 0.26 -1.06 -25.56
CA PRO A 239 1.24 -1.66 -26.45
C PRO A 239 1.01 -1.24 -27.90
N PRO A 240 2.08 -0.87 -28.62
CA PRO A 240 1.97 -0.63 -30.05
C PRO A 240 1.99 -1.93 -30.86
N ALA A 241 1.81 -1.79 -32.16
CA ALA A 241 1.69 -2.93 -33.08
C ALA A 241 2.93 -3.83 -33.05
N GLU A 242 4.11 -3.21 -32.90
CA GLU A 242 5.36 -3.94 -32.76
C GLU A 242 5.27 -4.87 -31.55
N GLU A 243 4.63 -4.39 -30.50
CA GLU A 243 4.51 -5.15 -29.27
C GLU A 243 3.52 -6.30 -29.38
N ASN A 244 2.44 -6.08 -30.13
CA ASN A 244 1.40 -7.11 -30.25
C ASN A 244 1.85 -8.31 -31.06
N ARG A 245 2.36 -8.09 -32.27
CA ARG A 245 2.81 -9.24 -33.10
C ARG A 245 3.88 -10.06 -32.37
N GLU A 246 4.70 -9.43 -31.54
CA GLU A 246 5.64 -10.16 -30.70
C GLU A 246 4.89 -11.01 -29.69
N ILE A 247 3.86 -10.44 -29.08
CA ILE A 247 3.00 -11.17 -28.14
C ILE A 247 2.22 -12.28 -28.86
N ALA A 248 1.52 -11.91 -29.93
CA ALA A 248 0.73 -12.86 -30.71
C ALA A 248 1.60 -13.97 -31.29
N GLN A 249 2.88 -13.67 -31.53
CA GLN A 249 3.85 -14.66 -31.97
C GLN A 249 4.10 -15.68 -30.87
N ARG A 250 4.33 -15.20 -29.65
CA ARG A 250 4.67 -16.07 -28.53
C ARG A 250 3.53 -17.01 -28.14
N GLU A 251 2.28 -16.54 -28.28
CA GLU A 251 1.10 -17.43 -28.16
C GLU A 251 1.22 -18.63 -29.11
N GLN A 252 1.26 -18.35 -30.41
CA GLN A 252 1.32 -19.41 -31.43
C GLN A 252 2.61 -20.23 -31.39
N GLU A 253 3.69 -19.65 -30.87
CA GLU A 253 4.95 -20.40 -30.72
C GLU A 253 4.85 -21.42 -29.59
N SER A 254 4.04 -21.15 -28.58
CA SER A 254 3.85 -22.06 -27.45
C SER A 254 2.94 -23.25 -27.80
N LEU A 255 1.90 -22.99 -28.59
CA LEU A 255 1.00 -24.05 -29.04
C LEU A 255 1.75 -24.97 -30.00
N GLU A 256 2.35 -24.36 -31.02
CA GLU A 256 3.11 -25.10 -32.04
C GLU A 256 4.39 -25.75 -31.49
N HIS A 257 4.76 -25.44 -30.24
CA HIS A 257 5.94 -26.05 -29.62
C HIS A 257 5.76 -27.54 -29.40
N HIS A 258 4.57 -27.93 -28.94
CA HIS A 258 4.26 -29.35 -28.73
C HIS A 258 4.49 -30.20 -29.98
N HIS A 259 4.55 -29.55 -31.15
CA HIS A 259 4.71 -30.21 -32.45
C HIS A 259 6.14 -30.08 -32.98
P 46E B . 4.99 6.94 5.82
N 46E B . 6.21 3.76 3.16
O11 46E B . 4.49 7.63 4.45
O12 46E B . 6.39 7.43 6.09
O13 46E B . 5.07 5.36 5.47
O14 46E B . 3.90 7.17 6.87
C11 46E B . 6.29 4.60 5.49
C12 46E B . 6.16 3.38 4.60
C1 46E B . 3.29 8.40 4.45
C2 46E B . 2.95 8.88 3.03
C3 46E B . 2.58 10.36 3.02
O31 46E B . 1.23 10.58 2.54
O32 46E B . 0.32 10.83 4.66
C31 46E B . 0.20 11.04 3.45
C32 46E B . -1.02 11.78 2.92
C33 46E B . -1.41 11.32 1.52
C34 46E B . -1.14 12.35 0.42
C35 46E B . -0.33 11.77 -0.75
C36 46E B . -0.85 12.19 -2.13
C37 46E B . -0.28 13.53 -2.61
C38 46E B . 0.31 13.40 -4.02
C39 46E B . 0.40 14.70 -4.81
C3A 46E B . 0.00 14.45 -6.26
C3B 46E B . 0.39 15.60 -7.19
C3C 46E B . 0.69 15.14 -8.62
C3D 46E B . 1.99 15.76 -9.14
C3E 46E B . 1.96 15.97 -10.64
O21 46E B . 4.08 8.63 2.17
O22 46E B . 4.46 7.76 0.10
C21 46E B . 3.77 8.52 0.75
C22 46E B . 2.66 9.29 0.06
C23 46E B . 2.77 9.22 -1.46
C24 46E B . 2.39 7.85 -2.02
C25 46E B . 2.58 7.80 -3.53
C26 46E B . 3.28 6.52 -4.00
C27 46E B . 2.52 5.80 -5.11
C28 46E B . 3.45 5.35 -6.24
C29 46E B . 4.36 4.20 -5.86
C2A 46E B . 4.94 3.51 -7.09
C2B 46E B . 6.45 3.29 -6.97
C2C 46E B . 7.27 4.57 -7.08
C2D 46E B . 8.51 4.35 -7.96
C2E 46E B . 9.57 5.44 -7.83
#